data_7SPM
#
_entry.id   7SPM
#
_cell.length_a   110.817
_cell.length_b   80.174
_cell.length_c   74.723
_cell.angle_alpha   90.000
_cell.angle_beta   122.899
_cell.angle_gamma   90.000
#
_symmetry.space_group_name_H-M   'C 1 2 1'
#
loop_
_entity.id
_entity.type
_entity.pdbx_description
1 polymer "DNA (5'-D(*CP*CP*TP*GP*TP*GP*AP*CP*AP*AP*AP*TP*TP*GP*CP*CP*CP*TP*CP*AP*GP*A)-3')"
2 polymer "DNA (5'-D(*CP*TP*GP*AP*GP*GP*GP*CP*AP*AP*TP*TP*TP*GP*TP*CP*AP*CP*AP*GP*GP*A)-3')"
3 polymer 'RepB family plasmid replication initiator protein'
4 non-polymer 'MAGNESIUM ION'
5 water water
#
loop_
_entity_poly.entity_id
_entity_poly.type
_entity_poly.pdbx_seq_one_letter_code
_entity_poly.pdbx_strand_id
1 'polydeoxyribonucleotide'
;(DC)(DC)(DT)(DG)(DT)(DG)(DA)(DC)(DA)(DA)(DA)(DT)(DT)(DG)(DC)(DC)(DC)(DT)(DC)(DA)
(DG)(DA)
;
A
2 'polydeoxyribonucleotide'
;(DC)(DT)(DG)(DA)(DG)(DG)(DG)(DC)(DA)(DA)(DT)(DT)(DT)(DG)(DT)(DC)(DA)(DC)(DA)(DG)
(DG)(DA)
;
B
3 'polypeptide(L)'
;MRGSHHHHHHGSMAETAVINHKKRKNSPRIVQSNDLTEAAYSLSRDQKRMLYLFVDQIRKSDGTLQEHDGICEIHVAKYA
EIFGLTSAEASKDIRQALKSFAGKEVVFYRPEEDAGDEKGYESFPWFIKPAHSPSRGLYSVHINPYLIPFFIGLQNRFTQ
FRLSETKEITNPYAMRLYESLCQYRKPDGSGIVSLKIDWIIERYQLPQSYQRMPDFRRRFLQVCVNEINSRTPMRLSYIE
KKKGRQTTHIVFSFRDITSMTTG
;
C
#
loop_
_chem_comp.id
_chem_comp.type
_chem_comp.name
_chem_comp.formula
DA DNA linking 2'-DEOXYADENOSINE-5'-MONOPHOSPHATE 'C10 H14 N5 O6 P'
DC DNA linking 2'-DEOXYCYTIDINE-5'-MONOPHOSPHATE 'C9 H14 N3 O7 P'
DG DNA linking 2'-DEOXYGUANOSINE-5'-MONOPHOSPHATE 'C10 H14 N5 O7 P'
DT DNA linking THYMIDINE-5'-MONOPHOSPHATE 'C10 H15 N2 O8 P'
MG non-polymer 'MAGNESIUM ION' 'Mg 2'
#
# COMPACT_ATOMS: atom_id res chain seq x y z
N ASN C 26 -4.26 -18.25 5.49
CA ASN C 26 -2.91 -18.32 6.03
C ASN C 26 -1.96 -17.15 5.83
N SER C 27 -2.31 -16.11 5.09
CA SER C 27 -1.31 -15.07 4.91
C SER C 27 -1.07 -14.35 6.23
N PRO C 28 0.17 -13.92 6.49
CA PRO C 28 0.45 -13.24 7.75
C PRO C 28 -0.29 -11.91 7.82
N ARG C 29 -1.02 -11.72 8.92
CA ARG C 29 -1.71 -10.45 9.16
C ARG C 29 -0.73 -9.28 9.10
N ILE C 30 -1.07 -8.28 8.31
CA ILE C 30 -0.22 -7.16 8.04
C ILE C 30 -0.72 -5.98 8.86
N VAL C 31 0.07 -5.52 9.82
CA VAL C 31 -0.44 -4.58 10.81
C VAL C 31 0.38 -3.31 10.75
N GLN C 32 -0.20 -2.23 10.21
CA GLN C 32 0.54 -1.01 9.93
C GLN C 32 -0.05 0.20 10.66
N SER C 33 0.84 1.13 10.97
CA SER C 33 0.43 2.40 11.56
C SER C 33 -0.46 3.15 10.59
N ASN C 34 -1.49 3.77 11.14
CA ASN C 34 -2.34 4.60 10.31
C ASN C 34 -1.50 5.64 9.58
N ASP C 35 -0.55 6.27 10.29
CA ASP C 35 0.53 7.07 9.71
C ASP C 35 0.91 6.59 8.32
N LEU C 36 1.26 5.31 8.26
CA LEU C 36 1.67 4.70 7.01
C LEU C 36 0.54 4.71 6.02
N THR C 37 -0.61 4.18 6.42
CA THR C 37 -1.67 3.99 5.46
C THR C 37 -1.86 5.29 4.72
N GLU C 38 -1.87 6.39 5.47
CA GLU C 38 -2.00 7.73 4.92
C GLU C 38 -0.61 8.36 4.92
N ALA C 39 0.10 8.22 3.82
CA ALA C 39 1.31 9.02 3.64
C ALA C 39 1.48 9.24 2.14
N ALA C 40 2.45 10.07 1.78
CA ALA C 40 2.64 10.47 0.39
C ALA C 40 3.88 9.78 -0.13
N TYR C 41 3.68 8.86 -1.05
CA TYR C 41 4.79 8.19 -1.73
C TYR C 41 4.23 7.60 -3.02
N SER C 42 5.12 7.38 -3.98
CA SER C 42 4.77 6.60 -5.16
C SER C 42 5.69 5.39 -5.17
N LEU C 43 5.12 4.18 -5.08
CA LEU C 43 5.83 2.91 -5.17
C LEU C 43 5.14 2.01 -6.19
N SER C 44 5.91 1.13 -6.83
CA SER C 44 5.29 0.29 -7.85
C SER C 44 4.49 -0.80 -7.17
N ARG C 45 3.70 -1.52 -8.00
CA ARG C 45 3.03 -2.72 -7.51
C ARG C 45 4.05 -3.61 -6.82
N ASP C 46 5.03 -4.10 -7.58
CA ASP C 46 6.05 -4.98 -7.01
C ASP C 46 6.65 -4.40 -5.74
N GLN C 47 6.90 -3.09 -5.72
CA GLN C 47 7.60 -2.51 -4.59
C GLN C 47 6.70 -2.51 -3.34
N LYS C 48 5.43 -2.09 -3.48
CA LYS C 48 4.54 -2.11 -2.31
C LYS C 48 4.41 -3.52 -1.80
N ARG C 49 4.37 -4.50 -2.72
CA ARG C 49 4.37 -5.91 -2.33
C ARG C 49 5.47 -6.18 -1.32
N MET C 50 6.67 -5.71 -1.62
CA MET C 50 7.82 -5.97 -0.74
C MET C 50 7.62 -5.22 0.57
N LEU C 51 7.08 -3.99 0.50
CA LEU C 51 6.77 -3.19 1.68
C LEU C 51 6.08 -4.02 2.74
N TYR C 52 5.06 -4.77 2.33
CA TYR C 52 4.30 -5.57 3.27
C TYR C 52 5.20 -6.58 3.96
N LEU C 53 6.29 -6.99 3.31
CA LEU C 53 7.06 -8.10 3.84
C LEU C 53 8.07 -7.63 4.88
N PHE C 54 8.66 -6.47 4.68
CA PHE C 54 9.61 -5.96 5.65
C PHE C 54 8.92 -5.68 6.98
N VAL C 55 7.87 -4.86 6.93
CA VAL C 55 7.10 -4.48 8.11
C VAL C 55 6.66 -5.70 8.93
N ASP C 56 6.58 -6.88 8.32
CA ASP C 56 6.32 -8.10 9.10
C ASP C 56 7.58 -8.49 9.87
N GLN C 57 8.72 -8.51 9.19
CA GLN C 57 9.98 -8.80 9.86
C GLN C 57 10.32 -7.73 10.87
N ILE C 58 9.87 -6.52 10.61
CA ILE C 58 10.01 -5.45 11.59
C ILE C 58 9.17 -5.76 12.82
N ARG C 59 7.98 -6.36 12.62
CA ARG C 59 7.08 -6.62 13.74
C ARG C 59 7.64 -7.70 14.69
N LYS C 60 8.39 -8.68 14.17
CA LYS C 60 9.04 -9.60 15.10
C LYS C 60 10.31 -9.03 15.74
N SER C 61 10.81 -7.86 15.28
CA SER C 61 11.93 -7.09 15.84
C SER C 61 11.48 -6.22 17.01
N ASP C 62 12.45 -5.63 17.72
CA ASP C 62 12.10 -4.78 18.88
C ASP C 62 11.80 -3.35 18.43
N GLU C 67 16.19 -0.22 19.99
CA GLU C 67 16.43 -1.61 20.36
C GLU C 67 16.32 -2.56 19.15
N HIS C 68 16.61 -2.04 17.95
CA HIS C 68 16.62 -2.81 16.70
C HIS C 68 17.86 -2.46 15.90
N ASP C 69 18.19 -3.30 14.91
CA ASP C 69 19.16 -2.90 13.90
C ASP C 69 18.48 -2.42 12.62
N GLY C 70 17.34 -3.01 12.25
CA GLY C 70 16.62 -2.57 11.07
C GLY C 70 17.07 -3.16 9.76
N ILE C 71 17.72 -4.32 9.76
CA ILE C 71 18.11 -5.02 8.54
C ILE C 71 17.14 -6.17 8.28
N CYS C 72 16.82 -6.42 7.00
CA CYS C 72 15.79 -7.37 6.63
C CYS C 72 16.26 -8.27 5.50
N GLU C 73 16.00 -9.57 5.64
CA GLU C 73 16.36 -10.56 4.64
C GLU C 73 15.17 -10.78 3.71
N ILE C 74 15.46 -11.21 2.47
CA ILE C 74 14.45 -11.49 1.46
C ILE C 74 14.86 -12.76 0.72
N HIS C 75 13.98 -13.78 0.68
CA HIS C 75 14.30 -15.09 0.13
C HIS C 75 13.49 -15.37 -1.13
N VAL C 76 14.13 -15.27 -2.30
CA VAL C 76 13.49 -15.49 -3.62
C VAL C 76 12.53 -16.67 -3.64
N ALA C 77 12.92 -17.79 -3.03
CA ALA C 77 12.00 -18.92 -3.08
C ALA C 77 10.72 -18.62 -2.33
N LYS C 78 10.84 -17.91 -1.20
CA LYS C 78 9.67 -17.67 -0.36
C LYS C 78 8.73 -16.67 -1.04
N TYR C 79 9.29 -15.66 -1.73
CA TYR C 79 8.50 -14.73 -2.55
C TYR C 79 7.62 -15.47 -3.55
N ALA C 80 8.26 -16.18 -4.50
CA ALA C 80 7.50 -16.82 -5.56
C ALA C 80 6.55 -17.91 -5.03
N GLU C 81 6.67 -18.33 -3.75
CA GLU C 81 5.62 -19.17 -3.14
CA GLU C 81 5.64 -19.16 -3.11
C GLU C 81 4.51 -18.31 -2.53
N ILE C 82 4.88 -17.23 -1.81
CA ILE C 82 3.87 -16.37 -1.21
C ILE C 82 3.10 -15.57 -2.27
N PHE C 83 3.72 -15.23 -3.40
CA PHE C 83 2.97 -14.51 -4.42
C PHE C 83 2.73 -15.31 -5.70
N GLY C 84 2.86 -16.63 -5.65
CA GLY C 84 2.65 -17.45 -6.83
C GLY C 84 3.37 -16.97 -8.09
N LEU C 85 4.70 -17.00 -8.06
CA LEU C 85 5.48 -16.58 -9.19
C LEU C 85 6.46 -17.69 -9.55
N THR C 86 7.18 -17.51 -10.65
CA THR C 86 8.25 -18.44 -10.96
C THR C 86 9.56 -17.92 -10.39
N SER C 87 10.49 -18.86 -10.15
CA SER C 87 11.81 -18.55 -9.62
C SER C 87 12.51 -17.48 -10.45
N ALA C 88 12.38 -17.58 -11.77
CA ALA C 88 13.08 -16.68 -12.66
C ALA C 88 12.40 -15.30 -12.70
N GLU C 89 11.12 -15.25 -13.07
CA GLU C 89 10.39 -13.98 -13.00
C GLU C 89 10.43 -13.33 -11.62
N ALA C 90 10.33 -14.12 -10.55
CA ALA C 90 10.38 -13.52 -9.22
C ALA C 90 11.66 -12.73 -9.02
N SER C 91 12.77 -13.21 -9.61
CA SER C 91 14.04 -12.58 -9.37
C SER C 91 14.23 -11.33 -10.23
N LYS C 92 13.42 -11.15 -11.29
CA LYS C 92 13.31 -9.86 -11.97
C LYS C 92 12.65 -8.84 -11.08
N ASP C 93 11.42 -9.16 -10.68
CA ASP C 93 10.60 -8.29 -9.85
C ASP C 93 11.39 -7.76 -8.66
N ILE C 94 12.13 -8.64 -8.00
CA ILE C 94 12.83 -8.32 -6.76
C ILE C 94 14.20 -7.70 -7.02
N ARG C 95 14.53 -7.37 -8.26
CA ARG C 95 15.83 -6.74 -8.53
C ARG C 95 15.60 -5.32 -9.01
N GLN C 96 14.94 -5.19 -10.15
CA GLN C 96 14.54 -3.89 -10.65
C GLN C 96 13.95 -3.06 -9.52
N ALA C 97 12.98 -3.62 -8.79
CA ALA C 97 12.31 -2.88 -7.72
C ALA C 97 13.32 -2.23 -6.79
N LEU C 98 14.30 -3.01 -6.37
CA LEU C 98 15.34 -2.51 -5.49
C LEU C 98 16.07 -1.30 -6.07
N LYS C 99 16.59 -1.43 -7.30
CA LYS C 99 17.26 -0.29 -7.93
C LYS C 99 16.37 0.95 -7.90
N SER C 100 15.09 0.79 -8.18
CA SER C 100 14.17 1.90 -8.13
C SER C 100 13.60 2.12 -6.75
N PHE C 101 14.40 1.89 -5.73
CA PHE C 101 14.13 2.51 -4.46
C PHE C 101 15.07 3.65 -4.17
N ALA C 102 16.21 3.68 -4.85
CA ALA C 102 16.96 4.91 -4.98
C ALA C 102 16.01 6.00 -5.43
N GLY C 103 16.18 7.18 -4.87
CA GLY C 103 15.28 8.29 -5.15
C GLY C 103 14.01 8.33 -4.33
N LYS C 104 13.27 7.21 -4.29
CA LYS C 104 11.95 7.12 -3.63
C LYS C 104 11.95 7.70 -2.23
N GLU C 105 10.99 8.60 -1.97
CA GLU C 105 10.81 9.20 -0.66
C GLU C 105 9.42 8.90 -0.13
N VAL C 106 9.14 9.41 1.06
CA VAL C 106 7.81 9.35 1.65
C VAL C 106 7.64 10.53 2.60
N VAL C 107 6.51 11.23 2.49
CA VAL C 107 6.31 12.48 3.19
C VAL C 107 5.21 12.28 4.23
N PHE C 108 5.47 12.78 5.45
CA PHE C 108 4.67 12.53 6.64
C PHE C 108 3.93 13.78 7.07
N TYR C 109 2.73 13.56 7.60
CA TYR C 109 1.86 14.65 7.99
C TYR C 109 1.21 14.42 9.36
N LYS C 119 -0.68 18.63 10.90
CA LYS C 119 0.05 17.53 11.55
C LYS C 119 1.52 17.22 10.99
N GLY C 120 1.98 17.86 9.92
CA GLY C 120 3.38 17.74 9.55
C GLY C 120 3.66 17.72 8.03
N TYR C 121 4.91 18.11 7.67
CA TYR C 121 5.47 18.20 6.30
C TYR C 121 6.88 17.57 6.26
N GLU C 122 7.02 16.42 6.91
CA GLU C 122 8.30 15.78 7.25
C GLU C 122 8.64 14.71 6.21
N SER C 123 9.55 15.05 5.29
CA SER C 123 9.91 14.24 4.12
C SER C 123 11.05 13.26 4.40
N PHE C 124 10.79 11.94 4.23
CA PHE C 124 11.79 10.94 4.58
C PHE C 124 12.30 10.10 3.40
N PRO C 125 13.37 9.24 3.61
CA PRO C 125 13.89 8.37 2.53
C PRO C 125 14.01 6.87 2.84
N TRP C 126 13.70 6.00 1.87
CA TRP C 126 13.46 4.60 2.27
C TRP C 126 14.72 3.92 2.80
N PHE C 127 15.75 3.75 1.97
CA PHE C 127 16.93 3.00 2.41
C PHE C 127 18.12 3.93 2.60
N ILE C 128 19.20 3.45 3.25
CA ILE C 128 20.44 4.26 3.48
C ILE C 128 21.65 3.77 2.63
N LYS C 129 21.90 2.42 2.62
CA LYS C 129 22.80 1.74 1.69
C LYS C 129 21.96 0.89 0.74
N PRO C 130 22.38 0.75 -0.52
CA PRO C 130 21.61 -0.08 -1.45
C PRO C 130 21.58 -1.53 -0.98
N ALA C 131 20.67 -2.30 -1.57
CA ALA C 131 20.61 -3.69 -1.17
C ALA C 131 21.69 -4.50 -1.92
N HIS C 132 21.90 -5.72 -1.47
CA HIS C 132 22.86 -6.62 -2.09
C HIS C 132 22.52 -8.03 -1.65
N SER C 133 23.19 -9.00 -2.28
CA SER C 133 22.98 -10.44 -2.03
C SER C 133 24.29 -11.12 -1.69
N PRO C 134 24.62 -11.27 -0.41
CA PRO C 134 25.89 -11.96 -0.05
C PRO C 134 25.97 -13.35 -0.62
N SER C 135 24.83 -14.05 -0.61
CA SER C 135 24.64 -15.38 -1.17
C SER C 135 23.58 -15.35 -2.26
N ARG C 136 23.50 -16.48 -2.97
CA ARG C 136 22.63 -16.69 -4.15
C ARG C 136 21.17 -16.88 -3.73
N GLY C 137 20.35 -15.84 -3.92
CA GLY C 137 18.94 -15.87 -3.58
C GLY C 137 18.55 -14.93 -2.46
N LEU C 138 19.43 -14.71 -1.48
CA LEU C 138 19.10 -13.85 -0.36
C LEU C 138 19.55 -12.44 -0.69
N TYR C 139 18.70 -11.48 -0.31
CA TYR C 139 18.89 -10.05 -0.46
C TYR C 139 18.73 -9.42 0.90
N SER C 140 19.67 -8.56 1.27
CA SER C 140 19.64 -7.88 2.57
C SER C 140 19.42 -6.40 2.29
N VAL C 141 18.26 -5.88 2.72
CA VAL C 141 17.96 -4.46 2.60
C VAL C 141 18.19 -3.81 3.95
N HIS C 142 18.28 -2.49 3.92
CA HIS C 142 18.73 -1.74 5.06
C HIS C 142 17.78 -0.58 5.22
N ILE C 143 16.80 -0.76 6.11
CA ILE C 143 15.78 0.25 6.31
C ILE C 143 16.32 1.40 7.13
N ASN C 144 15.84 2.61 6.82
CA ASN C 144 16.17 3.83 7.55
C ASN C 144 15.58 3.61 8.93
N PRO C 145 16.38 3.43 9.99
CA PRO C 145 15.80 3.06 11.29
C PRO C 145 15.02 4.18 11.98
N TYR C 146 14.95 5.38 11.39
CA TYR C 146 14.08 6.48 11.83
C TYR C 146 12.65 6.29 11.34
N LEU C 147 12.35 5.13 10.79
CA LEU C 147 11.00 4.77 10.40
C LEU C 147 10.39 3.74 11.33
N ILE C 148 11.23 3.01 12.09
CA ILE C 148 10.74 1.91 12.96
C ILE C 148 9.52 2.32 13.79
N PRO C 149 9.51 3.46 14.50
CA PRO C 149 8.36 3.78 15.36
C PRO C 149 7.14 4.19 14.55
N PHE C 150 7.36 4.69 13.36
CA PHE C 150 6.31 5.01 12.41
C PHE C 150 5.72 3.74 11.79
N PHE C 151 6.34 2.58 12.05
CA PHE C 151 5.82 1.26 11.70
C PHE C 151 5.10 0.56 12.82
N ILE C 152 5.48 0.85 14.06
CA ILE C 152 4.70 0.32 15.17
C ILE C 152 3.62 1.33 15.55
N GLY C 153 3.88 2.61 15.33
CA GLY C 153 2.89 3.66 15.61
C GLY C 153 2.37 3.60 17.03
N LEU C 154 1.05 3.55 17.16
CA LEU C 154 0.41 3.77 18.43
C LEU C 154 -0.59 2.65 18.71
N GLN C 155 -0.70 2.28 19.97
CA GLN C 155 -1.70 1.28 20.34
C GLN C 155 -3.12 1.80 20.22
N ASN C 156 -3.30 3.10 19.94
CA ASN C 156 -4.64 3.67 19.85
C ASN C 156 -5.24 3.37 18.48
N ARG C 157 -4.59 3.89 17.45
CA ARG C 157 -5.12 3.89 16.10
C ARG C 157 -4.09 3.22 15.18
N PHE C 158 -4.54 2.21 14.42
CA PHE C 158 -3.71 1.42 13.51
C PHE C 158 -4.61 0.62 12.54
N THR C 159 -4.02 0.23 11.41
CA THR C 159 -4.70 -0.49 10.34
C THR C 159 -4.31 -1.96 10.36
N GLN C 160 -5.25 -2.87 10.14
CA GLN C 160 -4.87 -4.26 9.93
C GLN C 160 -5.62 -4.90 8.75
N PHE C 161 -5.06 -6.01 8.27
CA PHE C 161 -5.61 -6.85 7.20
C PHE C 161 -4.69 -8.06 7.02
N ARG C 162 -5.19 -9.08 6.36
CA ARG C 162 -4.36 -10.22 5.99
C ARG C 162 -3.88 -10.05 4.54
N LEU C 163 -2.64 -10.50 4.27
CA LEU C 163 -2.03 -10.36 2.95
C LEU C 163 -2.84 -11.04 1.85
N SER C 164 -3.65 -12.04 2.22
CA SER C 164 -4.41 -12.81 1.25
C SER C 164 -5.40 -11.93 0.52
N GLU C 165 -5.91 -10.91 1.21
CA GLU C 165 -6.84 -9.98 0.60
C GLU C 165 -6.23 -9.33 -0.64
N THR C 166 -4.98 -8.91 -0.58
CA THR C 166 -4.48 -7.91 -1.49
C THR C 166 -3.65 -8.47 -2.64
N LYS C 167 -3.29 -9.75 -2.60
CA LYS C 167 -2.20 -10.13 -3.49
C LYS C 167 -2.59 -10.25 -4.97
N GLU C 168 -3.87 -10.43 -5.32
CA GLU C 168 -4.30 -10.44 -6.72
C GLU C 168 -4.62 -9.04 -7.29
N ILE C 169 -4.04 -7.99 -6.75
CA ILE C 169 -4.21 -6.68 -7.35
C ILE C 169 -3.00 -6.37 -8.22
N THR C 170 -3.25 -6.06 -9.48
CA THR C 170 -2.15 -5.64 -10.34
C THR C 170 -1.84 -4.15 -10.18
N ASN C 171 -2.86 -3.30 -10.03
CA ASN C 171 -2.70 -1.84 -10.02
C ASN C 171 -2.41 -1.32 -8.61
N PRO C 172 -1.46 -0.36 -8.43
CA PRO C 172 -0.97 -0.04 -7.09
C PRO C 172 -1.94 0.89 -6.40
N TYR C 173 -2.47 1.83 -7.20
CA TYR C 173 -3.44 2.78 -6.71
C TYR C 173 -4.61 2.04 -6.07
N ALA C 174 -5.15 1.04 -6.76
CA ALA C 174 -6.03 0.09 -6.08
C ALA C 174 -5.43 -0.37 -4.75
N MET C 175 -4.10 -0.51 -4.67
CA MET C 175 -3.50 -1.03 -3.45
C MET C 175 -3.70 -0.05 -2.30
N ARG C 176 -3.32 1.23 -2.50
CA ARG C 176 -3.44 2.27 -1.48
C ARG C 176 -4.87 2.41 -0.96
N LEU C 177 -5.83 2.16 -1.85
CA LEU C 177 -7.25 2.42 -1.57
C LEU C 177 -7.77 1.40 -0.59
N TYR C 178 -7.69 0.13 -0.97
CA TYR C 178 -8.06 -0.94 -0.08
C TYR C 178 -7.28 -0.77 1.22
N GLU C 179 -6.03 -0.32 1.11
CA GLU C 179 -5.19 -0.09 2.28
C GLU C 179 -5.84 0.95 3.21
N SER C 180 -6.27 2.10 2.67
CA SER C 180 -7.06 3.03 3.49
C SER C 180 -8.44 2.47 3.82
N LEU C 181 -9.16 1.92 2.84
CA LEU C 181 -10.52 1.44 3.12
C LEU C 181 -10.56 0.55 4.38
N CYS C 182 -9.50 -0.24 4.60
CA CYS C 182 -9.35 -1.05 5.80
C CYS C 182 -9.10 -0.24 7.07
N GLN C 183 -8.60 1.00 6.94
CA GLN C 183 -8.36 1.83 8.11
C GLN C 183 -9.63 2.03 8.90
N TYR C 184 -10.78 1.91 8.22
CA TYR C 184 -12.06 2.21 8.79
C TYR C 184 -12.95 0.98 8.96
N ARG C 185 -12.50 -0.21 8.54
CA ARG C 185 -13.38 -1.35 8.64
C ARG C 185 -13.72 -1.59 10.11
N LYS C 186 -15.01 -1.74 10.37
CA LYS C 186 -15.40 -2.24 11.66
C LYS C 186 -15.38 -3.76 11.64
N PRO C 187 -15.33 -4.40 12.82
CA PRO C 187 -15.06 -5.84 12.89
C PRO C 187 -15.81 -6.74 11.92
N ASP C 188 -17.11 -6.49 11.64
CA ASP C 188 -17.88 -7.42 10.80
C ASP C 188 -17.47 -7.41 9.31
N GLY C 189 -16.53 -6.58 8.92
CA GLY C 189 -16.08 -6.53 7.54
C GLY C 189 -16.71 -5.45 6.71
N SER C 190 -17.28 -4.42 7.32
CA SER C 190 -18.00 -3.38 6.61
C SER C 190 -17.59 -2.00 7.11
N GLY C 191 -18.10 -0.96 6.46
CA GLY C 191 -17.73 0.41 6.82
C GLY C 191 -18.21 1.45 5.81
N ILE C 192 -17.76 2.68 6.03
CA ILE C 192 -18.19 3.86 5.26
C ILE C 192 -17.13 4.94 5.35
N VAL C 193 -16.96 5.71 4.27
CA VAL C 193 -16.03 6.84 4.28
C VAL C 193 -16.17 7.79 3.10
N SER C 194 -15.96 9.07 3.34
CA SER C 194 -15.87 10.07 2.28
C SER C 194 -14.45 10.57 2.18
N LEU C 195 -13.89 10.54 0.97
CA LEU C 195 -12.54 11.04 0.77
C LEU C 195 -12.56 12.21 -0.19
N LYS C 196 -11.54 13.04 -0.12
CA LYS C 196 -11.57 14.28 -0.87
C LYS C 196 -10.51 14.23 -1.96
N ILE C 197 -10.95 14.56 -3.16
CA ILE C 197 -10.10 14.50 -4.34
C ILE C 197 -8.75 15.23 -4.22
N ASP C 198 -8.69 16.44 -3.67
N ASP C 198 -8.72 16.50 -3.77
CA ASP C 198 -7.36 17.02 -3.59
CA ASP C 198 -7.42 17.15 -3.54
C ASP C 198 -6.47 16.22 -2.67
C ASP C 198 -6.51 16.30 -2.65
N TRP C 199 -7.06 15.53 -1.69
CA TRP C 199 -6.29 14.69 -0.73
C TRP C 199 -5.88 13.33 -1.28
N ILE C 200 -6.75 12.62 -1.99
CA ILE C 200 -6.31 11.41 -2.70
C ILE C 200 -5.13 11.72 -3.61
N ILE C 201 -5.27 12.72 -4.49
CA ILE C 201 -4.15 13.13 -5.34
C ILE C 201 -2.85 13.30 -4.53
N GLU C 202 -2.83 14.07 -3.43
CA GLU C 202 -1.58 14.17 -2.67
C GLU C 202 -1.10 12.82 -2.13
N ARG C 203 -1.85 12.22 -1.19
CA ARG C 203 -1.34 11.07 -0.45
C ARG C 203 -0.94 9.91 -1.38
N TYR C 204 -1.77 9.60 -2.37
CA TYR C 204 -1.49 8.49 -3.27
C TYR C 204 -0.60 8.93 -4.42
N GLN C 205 -0.49 10.25 -4.62
CA GLN C 205 0.47 10.89 -5.50
C GLN C 205 0.35 10.31 -6.91
N LEU C 206 -0.70 10.79 -7.56
CA LEU C 206 -1.16 10.32 -8.86
C LEU C 206 -0.64 11.22 -9.97
N PRO C 207 -0.93 10.87 -11.22
CA PRO C 207 -0.53 11.71 -12.35
C PRO C 207 -1.25 13.05 -12.46
N GLN C 208 -0.49 14.08 -12.83
CA GLN C 208 -0.99 15.44 -13.02
C GLN C 208 -2.17 15.52 -13.99
N SER C 209 -2.22 14.64 -14.99
CA SER C 209 -3.27 14.64 -16.01
C SER C 209 -4.61 14.22 -15.45
N TYR C 210 -4.61 13.70 -14.23
CA TYR C 210 -5.83 13.24 -13.63
C TYR C 210 -6.57 14.38 -12.96
N GLN C 211 -5.99 15.60 -13.00
CA GLN C 211 -6.70 16.76 -12.48
C GLN C 211 -8.05 16.89 -13.16
N ARG C 212 -8.14 16.81 -14.50
CA ARG C 212 -9.51 16.76 -15.04
C ARG C 212 -10.21 15.45 -14.64
N MET C 213 -11.39 15.59 -13.99
CA MET C 213 -12.23 14.47 -13.58
C MET C 213 -12.57 13.50 -14.69
N PRO C 214 -12.91 13.97 -15.90
CA PRO C 214 -13.22 13.02 -16.98
C PRO C 214 -12.21 11.93 -17.10
N ASP C 215 -10.94 12.25 -16.89
CA ASP C 215 -9.94 11.21 -16.96
C ASP C 215 -9.82 10.47 -15.64
N PHE C 216 -9.79 11.23 -14.52
CA PHE C 216 -9.71 10.71 -13.16
C PHE C 216 -10.69 9.57 -13.00
N ARG C 217 -11.88 9.72 -13.53
CA ARG C 217 -12.85 8.68 -13.30
C ARG C 217 -12.70 7.54 -14.29
N ARG C 218 -11.90 7.75 -15.34
CA ARG C 218 -11.76 6.74 -16.38
C ARG C 218 -10.58 5.81 -16.07
N ARG C 219 -9.38 6.37 -15.83
CA ARG C 219 -8.16 5.62 -15.64
C ARG C 219 -7.82 5.34 -14.18
N PHE C 220 -8.46 6.00 -13.22
CA PHE C 220 -8.32 5.65 -11.81
C PHE C 220 -9.60 5.14 -11.17
N LEU C 221 -10.71 5.87 -11.25
CA LEU C 221 -11.86 5.53 -10.43
C LEU C 221 -12.48 4.19 -10.82
N GLN C 222 -13.00 4.06 -12.04
CA GLN C 222 -13.65 2.80 -12.42
C GLN C 222 -12.68 1.63 -12.39
N VAL C 223 -11.40 1.89 -12.69
CA VAL C 223 -10.39 0.84 -12.65
C VAL C 223 -10.22 0.33 -11.23
N CYS C 224 -9.81 1.18 -10.29
CA CYS C 224 -9.52 0.65 -8.96
C CYS C 224 -10.74 0.08 -8.27
N VAL C 225 -11.93 0.60 -8.54
CA VAL C 225 -13.09 -0.08 -7.95
C VAL C 225 -13.32 -1.44 -8.59
N ASN C 226 -13.04 -1.59 -9.90
N ASN C 226 -13.02 -1.61 -9.89
CA ASN C 226 -13.23 -2.87 -10.59
CA ASN C 226 -13.26 -2.89 -10.56
C ASN C 226 -12.23 -3.93 -10.12
C ASN C 226 -12.22 -3.94 -10.17
N GLU C 227 -10.94 -3.56 -10.07
CA GLU C 227 -9.92 -4.46 -9.55
C GLU C 227 -10.32 -4.97 -8.16
N ILE C 228 -10.64 -4.05 -7.22
CA ILE C 228 -10.92 -4.49 -5.84
C ILE C 228 -12.11 -5.43 -5.82
N ASN C 229 -13.18 -5.02 -6.47
CA ASN C 229 -14.43 -5.70 -6.24
C ASN C 229 -14.43 -7.06 -6.96
N SER C 230 -13.35 -7.35 -7.71
CA SER C 230 -13.08 -8.57 -8.47
C SER C 230 -12.14 -9.54 -7.76
N ARG C 231 -10.99 -9.05 -7.29
CA ARG C 231 -9.86 -9.86 -6.91
C ARG C 231 -9.70 -9.95 -5.40
N THR C 232 -10.62 -9.37 -4.63
CA THR C 232 -10.53 -9.31 -3.18
C THR C 232 -11.86 -9.69 -2.56
N PRO C 233 -11.91 -9.86 -1.22
CA PRO C 233 -13.19 -10.29 -0.63
C PRO C 233 -13.96 -9.06 -0.17
N MET C 234 -14.08 -8.07 -1.03
CA MET C 234 -14.77 -6.87 -0.64
C MET C 234 -15.73 -6.46 -1.74
N ARG C 235 -16.82 -5.82 -1.32
CA ARG C 235 -17.97 -5.57 -2.19
C ARG C 235 -18.26 -4.07 -2.14
N LEU C 236 -17.75 -3.30 -3.09
CA LEU C 236 -17.69 -1.85 -3.05
C LEU C 236 -18.79 -1.16 -3.86
N SER C 237 -18.91 0.15 -3.65
CA SER C 237 -19.68 1.05 -4.51
C SER C 237 -19.46 2.49 -4.09
N TYR C 238 -19.80 3.40 -4.97
CA TYR C 238 -19.41 4.76 -4.71
C TYR C 238 -20.47 5.68 -5.24
N ILE C 239 -20.55 6.86 -4.60
N ILE C 239 -20.59 6.85 -4.60
CA ILE C 239 -21.29 8.02 -5.06
CA ILE C 239 -21.25 7.99 -5.22
C ILE C 239 -20.42 9.25 -4.86
C ILE C 239 -20.40 9.22 -4.92
N GLU C 240 -20.56 10.22 -5.78
CA GLU C 240 -19.74 11.44 -5.76
C GLU C 240 -20.43 12.47 -4.87
N LYS C 241 -19.62 13.29 -4.16
CA LYS C 241 -20.09 14.46 -3.42
C LYS C 241 -19.74 15.75 -4.16
N LYS C 242 -20.76 16.46 -4.60
CA LYS C 242 -20.53 17.63 -5.43
C LYS C 242 -21.02 18.90 -4.74
N LYS C 243 -20.10 19.85 -4.57
CA LYS C 243 -20.38 21.26 -4.35
C LYS C 243 -20.39 21.98 -5.68
N GLY C 244 -21.25 22.99 -5.79
CA GLY C 244 -21.23 23.86 -6.96
C GLY C 244 -21.20 23.11 -8.28
N ARG C 245 -20.32 23.57 -9.18
CA ARG C 245 -20.20 22.97 -10.50
C ARG C 245 -19.01 21.99 -10.59
N GLN C 246 -18.70 21.26 -9.52
CA GLN C 246 -17.48 20.45 -9.44
C GLN C 246 -17.57 19.34 -8.40
N THR C 247 -17.14 18.14 -8.75
CA THR C 247 -17.11 17.09 -7.72
C THR C 247 -15.89 17.29 -6.83
N THR C 248 -16.02 16.90 -5.55
CA THR C 248 -15.02 17.19 -4.53
C THR C 248 -14.74 16.06 -3.57
N HIS C 249 -15.69 15.16 -3.34
CA HIS C 249 -15.52 14.01 -2.47
C HIS C 249 -16.06 12.75 -3.13
N ILE C 250 -15.57 11.61 -2.68
CA ILE C 250 -16.08 10.34 -3.13
C ILE C 250 -16.47 9.63 -1.85
N VAL C 251 -17.65 9.04 -1.83
CA VAL C 251 -18.09 8.36 -0.62
C VAL C 251 -18.11 6.87 -0.91
N PHE C 252 -17.18 6.19 -0.26
CA PHE C 252 -16.95 4.79 -0.37
C PHE C 252 -17.67 4.05 0.71
N SER C 253 -18.17 2.90 0.34
CA SER C 253 -19.17 2.20 1.11
C SER C 253 -19.12 0.76 0.71
N PHE C 254 -18.94 -0.14 1.66
CA PHE C 254 -18.48 -1.51 1.39
C PHE C 254 -19.00 -2.55 2.38
N ARG C 255 -19.44 -3.70 1.83
CA ARG C 255 -19.77 -4.91 2.59
C ARG C 255 -18.69 -5.96 2.42
N ASP C 256 -18.38 -6.68 3.50
CA ASP C 256 -17.61 -7.91 3.37
C ASP C 256 -18.39 -8.86 2.49
N ILE C 257 -17.76 -9.35 1.43
CA ILE C 257 -18.46 -10.22 0.49
C ILE C 257 -18.90 -11.51 1.17
N THR C 258 -18.34 -11.79 2.36
CA THR C 258 -18.61 -13.00 3.11
C THR C 258 -20.06 -13.13 3.60
N SER C 259 -20.92 -12.15 3.38
CA SER C 259 -22.31 -12.25 3.87
C SER C 259 -23.38 -12.21 2.78
MG MG D . 7.41 -9.84 -13.41
#